data_4ZVI
#
_entry.id   4ZVI
#
_cell.length_a   117.878
_cell.length_b   50.546
_cell.length_c   71.344
_cell.angle_alpha   90.000
_cell.angle_beta   93.530
_cell.angle_gamma   90.000
#
_symmetry.space_group_name_H-M   'C 1 2 1'
#
loop_
_entity.id
_entity.type
_entity.pdbx_description
1 polymer 'DNA gyrase subunit B'
2 non-polymer N-(4-{[(4,5-dibromo-1H-pyrrol-2-yl)carbonyl]amino}benzoyl)glycine
3 non-polymer 'IODIDE ION'
4 water water
#
_entity_poly.entity_id   1
_entity_poly.type   'polypeptide(L)'
_entity_poly.pdbx_seq_one_letter_code
;LDAVRKRPGMYIGDTDDGTGLHHMVFEVVDNAIDEALAGHCKEIIVTIHADNSVSVQDDGRGIPTGIHPEEGVSAAEVIM
TVLHAGGKFDDNSYKVSGGLHGVGVSVVNALSQKLELVIQREGKIHRQIYEHGVPQAPLAVTGETEKTGTMVRFWPSLET
FTNVTEFEYEILAKRLRELSFLNSGVSIRLRDKRDGKEDHFHYEGGIKAFVEYLNKNKTPIHPNIFYFSTEKDGIGVEVA
LQWNDGFQENIYCFTNNIPQRDGGTHLAGFRAAMTRTLNAYMDKEGYSKKAKVSATGDDAREGLIAVVSVKVPDPKFSSQ
TKDKLVSSEVKSAVEQQMNELLAEYLLENPTDAKIVVGKIIDAARAREAARRAREMT
;
_entity_poly.pdbx_strand_id   A
#
loop_
_chem_comp.id
_chem_comp.type
_chem_comp.name
_chem_comp.formula
4S4 non-polymer N-(4-{[(4,5-dibromo-1H-pyrrol-2-yl)carbonyl]amino}benzoyl)glycine 'C14 H11 Br2 N3 O4'
IOD non-polymer 'IODIDE ION' 'I -1'
#
# COMPACT_ATOMS: atom_id res chain seq x y z
N LEU A 1 -0.67 -26.37 -8.29
CA LEU A 1 -2.11 -25.97 -8.24
C LEU A 1 -2.95 -26.87 -7.31
N ASP A 2 -2.64 -28.16 -7.28
CA ASP A 2 -3.22 -29.10 -6.31
C ASP A 2 -2.74 -28.80 -4.88
N ALA A 3 -1.47 -28.41 -4.75
CA ALA A 3 -0.92 -27.97 -3.47
C ALA A 3 -1.55 -26.68 -2.94
N VAL A 4 -1.90 -25.77 -3.85
CA VAL A 4 -2.59 -24.52 -3.48
C VAL A 4 -4.01 -24.80 -2.97
N ARG A 5 -4.74 -25.68 -3.66
CA ARG A 5 -6.08 -26.11 -3.21
C ARG A 5 -6.05 -26.91 -1.89
N LYS A 6 -4.96 -27.65 -1.65
CA LYS A 6 -4.78 -28.43 -0.42
C LYS A 6 -4.56 -27.55 0.81
N ARG A 7 -3.78 -26.48 0.66
CA ARG A 7 -3.44 -25.56 1.76
C ARG A 7 -3.68 -24.10 1.35
N PRO A 8 -4.94 -23.73 1.06
CA PRO A 8 -5.27 -22.40 0.52
C PRO A 8 -4.90 -21.25 1.45
N GLY A 9 -5.07 -21.45 2.76
CA GLY A 9 -4.65 -20.46 3.77
C GLY A 9 -3.21 -19.99 3.67
N MET A 10 -2.30 -20.89 3.30
CA MET A 10 -0.87 -20.57 3.15
C MET A 10 -0.56 -19.56 2.06
N TYR A 11 -1.29 -19.65 0.94
CA TYR A 11 -1.00 -18.87 -0.27
C TYR A 11 -1.75 -17.53 -0.36
N ILE A 12 -3.02 -17.53 0.04
CA ILE A 12 -3.90 -16.34 -0.09
C ILE A 12 -4.27 -15.64 1.23
N GLY A 13 -4.07 -16.31 2.37
CA GLY A 13 -4.46 -15.78 3.69
C GLY A 13 -5.66 -16.52 4.27
N ASP A 14 -6.08 -16.10 5.47
CA ASP A 14 -7.12 -16.80 6.23
C ASP A 14 -8.42 -16.94 5.41
N THR A 15 -8.88 -18.17 5.22
CA THR A 15 -10.01 -18.50 4.33
C THR A 15 -11.39 -18.46 5.02
N ASP A 16 -11.46 -17.99 6.26
CA ASP A 16 -12.72 -17.96 7.05
C ASP A 16 -13.15 -16.57 7.52
N ASP A 17 -12.20 -15.66 7.76
CA ASP A 17 -12.51 -14.33 8.31
C ASP A 17 -12.64 -13.23 7.24
N GLY A 18 -12.55 -13.62 5.96
CA GLY A 18 -12.63 -12.68 4.86
C GLY A 18 -11.31 -12.19 4.30
N THR A 19 -10.20 -12.42 5.02
CA THR A 19 -8.88 -11.93 4.60
C THR A 19 -8.49 -12.52 3.25
N GLY A 20 -8.49 -13.84 3.17
CA GLY A 20 -8.17 -14.56 1.94
C GLY A 20 -9.05 -14.18 0.76
N LEU A 21 -10.37 -14.14 0.98
CA LEU A 21 -11.34 -13.81 -0.07
C LEU A 21 -11.05 -12.47 -0.77
N HIS A 22 -10.80 -11.43 0.02
CA HIS A 22 -10.54 -10.08 -0.56
C HIS A 22 -9.14 -9.98 -1.15
N HIS A 23 -8.19 -10.73 -0.61
CA HIS A 23 -6.84 -10.83 -1.20
C HIS A 23 -6.82 -11.44 -2.61
N MET A 24 -7.85 -12.23 -2.93
CA MET A 24 -8.09 -12.69 -4.31
C MET A 24 -8.22 -11.50 -5.24
N VAL A 25 -9.01 -10.51 -4.84
CA VAL A 25 -9.22 -9.28 -5.61
C VAL A 25 -7.89 -8.51 -5.72
N PHE A 26 -7.23 -8.27 -4.59
CA PHE A 26 -6.00 -7.45 -4.55
C PHE A 26 -4.86 -8.04 -5.37
N GLU A 27 -4.75 -9.36 -5.42
CA GLU A 27 -3.74 -10.02 -6.25
C GLU A 27 -3.92 -9.76 -7.74
N VAL A 28 -5.17 -9.84 -8.22
CA VAL A 28 -5.47 -9.54 -9.64
C VAL A 28 -5.22 -8.06 -9.92
N VAL A 29 -5.62 -7.19 -9.00
CA VAL A 29 -5.40 -5.75 -9.11
C VAL A 29 -3.90 -5.41 -9.15
N ASP A 30 -3.10 -6.08 -8.32
CA ASP A 30 -1.65 -5.88 -8.31
C ASP A 30 -0.97 -6.13 -9.66
N ASN A 31 -1.49 -7.11 -10.42
CA ASN A 31 -0.99 -7.37 -11.78
C ASN A 31 -1.26 -6.19 -12.72
N ALA A 32 -2.45 -5.60 -12.60
CA ALA A 32 -2.81 -4.41 -13.36
C ALA A 32 -2.01 -3.18 -12.94
N ILE A 33 -1.67 -3.06 -11.66
CA ILE A 33 -0.83 -1.96 -11.15
C ILE A 33 0.62 -2.07 -11.67
N ASP A 34 1.16 -3.29 -11.73
CA ASP A 34 2.49 -3.52 -12.32
C ASP A 34 2.60 -3.05 -13.77
N GLU A 35 1.51 -3.23 -14.52
CA GLU A 35 1.41 -2.70 -15.90
C GLU A 35 1.36 -1.17 -15.93
N ALA A 36 0.65 -0.57 -14.97
CA ALA A 36 0.62 0.89 -14.79
C ALA A 36 1.97 1.47 -14.36
N LEU A 37 2.74 0.72 -13.57
CA LEU A 37 4.11 1.11 -13.23
C LEU A 37 5.04 1.00 -14.44
N ALA A 38 4.83 -0.01 -15.28
CA ALA A 38 5.55 -0.15 -16.55
C ALA A 38 5.22 0.95 -17.58
N GLY A 39 4.07 1.60 -17.44
CA GLY A 39 3.70 2.79 -18.21
C GLY A 39 2.74 2.56 -19.37
N HIS A 40 1.84 1.60 -19.22
CA HIS A 40 0.88 1.22 -20.28
C HIS A 40 -0.57 1.30 -19.81
N CYS A 41 -0.84 0.75 -18.62
CA CYS A 41 -2.16 0.89 -18.00
C CYS A 41 -2.33 2.30 -17.42
N LYS A 42 -3.38 3.00 -17.85
CA LYS A 42 -3.78 4.29 -17.28
C LYS A 42 -4.97 4.17 -16.31
N GLU A 43 -5.84 3.19 -16.53
CA GLU A 43 -7.02 3.00 -15.70
C GLU A 43 -7.30 1.54 -15.39
N ILE A 44 -7.77 1.29 -14.16
CA ILE A 44 -8.18 -0.03 -13.70
C ILE A 44 -9.62 0.09 -13.19
N ILE A 45 -10.49 -0.83 -13.61
CA ILE A 45 -11.89 -0.86 -13.17
C ILE A 45 -12.13 -2.18 -12.43
N VAL A 46 -12.53 -2.08 -11.16
CA VAL A 46 -12.89 -3.24 -10.35
C VAL A 46 -14.40 -3.22 -10.14
N THR A 47 -15.08 -4.31 -10.49
CA THR A 47 -16.54 -4.39 -10.37
C THR A 47 -16.96 -5.57 -9.51
N ILE A 48 -17.77 -5.31 -8.48
CA ILE A 48 -18.43 -6.38 -7.72
C ILE A 48 -19.76 -6.66 -8.40
N HIS A 49 -19.88 -7.84 -8.99
CA HIS A 49 -21.07 -8.23 -9.74
C HIS A 49 -22.13 -8.79 -8.80
N ALA A 50 -23.38 -8.78 -9.28
CA ALA A 50 -24.54 -9.24 -8.50
C ALA A 50 -24.51 -10.74 -8.14
N ASP A 51 -23.82 -11.54 -8.95
CA ASP A 51 -23.69 -12.99 -8.73
C ASP A 51 -22.52 -13.40 -7.80
N ASN A 52 -22.07 -12.48 -6.95
CA ASN A 52 -20.93 -12.69 -6.05
C ASN A 52 -19.62 -13.08 -6.78
N SER A 53 -19.33 -12.37 -7.87
CA SER A 53 -18.04 -12.43 -8.55
C SER A 53 -17.45 -11.02 -8.62
N VAL A 54 -16.15 -10.95 -8.88
CA VAL A 54 -15.45 -9.69 -9.05
C VAL A 54 -14.69 -9.76 -10.36
N SER A 55 -14.74 -8.66 -11.13
CA SER A 55 -13.89 -8.50 -12.31
C SER A 55 -12.95 -7.32 -12.15
N VAL A 56 -11.80 -7.42 -12.80
CA VAL A 56 -10.84 -6.33 -12.91
C VAL A 56 -10.54 -6.15 -14.39
N GLN A 57 -10.69 -4.90 -14.86
CA GLN A 57 -10.41 -4.54 -16.25
C GLN A 57 -9.33 -3.47 -16.24
N ASP A 58 -8.23 -3.72 -16.96
CA ASP A 58 -7.23 -2.68 -17.24
C ASP A 58 -7.23 -2.31 -18.73
N ASP A 59 -6.53 -1.22 -19.06
CA ASP A 59 -6.36 -0.79 -20.45
C ASP A 59 -4.88 -0.84 -20.90
N GLY A 60 -4.15 -1.83 -20.40
CA GLY A 60 -2.73 -2.02 -20.73
C GLY A 60 -2.54 -2.77 -22.04
N ARG A 61 -1.36 -3.34 -22.22
CA ARG A 61 -1.00 -4.03 -23.47
C ARG A 61 -1.73 -5.36 -23.73
N GLY A 62 -2.28 -5.97 -22.69
CA GLY A 62 -2.89 -7.30 -22.79
C GLY A 62 -1.84 -8.37 -22.54
N ILE A 63 -2.25 -9.48 -21.91
CA ILE A 63 -1.33 -10.58 -21.60
C ILE A 63 -0.95 -11.26 -22.93
N PRO A 64 0.36 -11.53 -23.15
CA PRO A 64 0.82 -12.23 -24.36
C PRO A 64 0.02 -13.49 -24.72
N THR A 65 -0.45 -13.54 -25.96
CA THR A 65 -1.12 -14.71 -26.53
C THR A 65 -0.10 -15.69 -27.13
N GLY A 66 1.07 -15.16 -27.54
CA GLY A 66 2.15 -15.95 -28.15
C GLY A 66 2.46 -17.24 -27.39
N ILE A 67 2.50 -18.35 -28.11
CA ILE A 67 2.47 -19.68 -27.51
C ILE A 67 3.88 -20.14 -27.08
N HIS A 68 3.91 -20.87 -25.96
CA HIS A 68 5.15 -21.34 -25.34
C HIS A 68 5.59 -22.61 -26.10
N PRO A 69 6.86 -22.66 -26.55
CA PRO A 69 7.32 -23.84 -27.29
C PRO A 69 7.49 -25.10 -26.43
N GLU A 70 8.02 -24.94 -25.21
CA GLU A 70 8.22 -26.05 -24.29
C GLU A 70 6.91 -26.56 -23.67
N GLU A 71 6.04 -25.65 -23.26
CA GLU A 71 4.76 -25.98 -22.62
C GLU A 71 3.67 -26.30 -23.63
N GLY A 72 3.75 -25.70 -24.82
CA GLY A 72 2.78 -25.92 -25.89
C GLY A 72 1.44 -25.22 -25.70
N VAL A 73 1.42 -24.17 -24.88
CA VAL A 73 0.19 -23.43 -24.55
C VAL A 73 0.45 -21.92 -24.61
N SER A 74 -0.62 -21.14 -24.65
CA SER A 74 -0.52 -19.67 -24.70
C SER A 74 0.21 -19.14 -23.46
N ALA A 75 1.03 -18.11 -23.65
CA ALA A 75 1.78 -17.48 -22.56
C ALA A 75 0.88 -16.97 -21.43
N ALA A 76 -0.35 -16.57 -21.78
CA ALA A 76 -1.36 -16.20 -20.79
C ALA A 76 -1.79 -17.38 -19.90
N GLU A 77 -1.88 -18.57 -20.50
CA GLU A 77 -2.14 -19.80 -19.73
C GLU A 77 -0.98 -20.14 -18.77
N VAL A 78 0.26 -19.89 -19.20
CA VAL A 78 1.45 -20.12 -18.36
C VAL A 78 1.42 -19.23 -17.09
N ILE A 79 1.03 -17.96 -17.26
CA ILE A 79 0.86 -17.05 -16.13
C ILE A 79 -0.30 -17.51 -15.22
N MET A 80 -1.38 -17.97 -15.84
CA MET A 80 -2.58 -18.40 -15.11
C MET A 80 -2.51 -19.79 -14.47
N THR A 81 -1.56 -20.63 -14.87
CA THR A 81 -1.47 -22.03 -14.38
C THR A 81 -0.17 -22.43 -13.68
N VAL A 82 0.85 -21.55 -13.64
CA VAL A 82 2.16 -21.88 -13.05
C VAL A 82 2.56 -20.86 -11.99
N LEU A 83 3.02 -21.35 -10.83
CA LEU A 83 3.38 -20.49 -9.70
C LEU A 83 4.73 -19.80 -9.93
N VAL A 103 2.52 -13.72 -4.85
CA VAL A 103 1.50 -14.77 -4.81
C VAL A 103 1.26 -15.38 -6.20
N GLY A 104 1.03 -14.52 -7.19
CA GLY A 104 0.76 -14.95 -8.57
C GLY A 104 -0.72 -15.15 -8.84
N VAL A 105 -1.10 -14.98 -10.11
CA VAL A 105 -2.52 -15.02 -10.53
C VAL A 105 -3.04 -16.45 -10.56
N SER A 106 -2.14 -17.41 -10.76
CA SER A 106 -2.48 -18.84 -10.67
C SER A 106 -3.11 -19.26 -9.34
N VAL A 107 -2.73 -18.60 -8.24
CA VAL A 107 -3.34 -18.86 -6.92
C VAL A 107 -4.81 -18.44 -6.91
N VAL A 108 -5.09 -17.24 -7.41
CA VAL A 108 -6.47 -16.76 -7.57
C VAL A 108 -7.26 -17.73 -8.45
N ASN A 109 -6.63 -18.20 -9.52
CA ASN A 109 -7.23 -19.14 -10.47
C ASN A 109 -7.50 -20.53 -9.89
N ALA A 110 -6.56 -21.02 -9.07
CA ALA A 110 -6.69 -22.34 -8.43
C ALA A 110 -7.85 -22.39 -7.42
N LEU A 111 -8.10 -21.26 -6.74
CA LEU A 111 -9.12 -21.16 -5.69
C LEU A 111 -10.45 -20.56 -6.16
N SER A 112 -10.65 -20.49 -7.47
CA SER A 112 -11.92 -20.05 -8.07
C SER A 112 -12.67 -21.25 -8.64
N GLN A 113 -13.98 -21.31 -8.42
CA GLN A 113 -14.83 -22.30 -9.08
C GLN A 113 -14.89 -22.07 -10.60
N LYS A 114 -14.82 -20.80 -10.99
CA LYS A 114 -14.76 -20.37 -12.39
C LYS A 114 -13.94 -19.08 -12.51
N LEU A 115 -13.19 -18.95 -13.60
CA LEU A 115 -12.47 -17.72 -13.93
C LEU A 115 -12.56 -17.46 -15.44
N GLU A 116 -12.92 -16.22 -15.79
CA GLU A 116 -13.05 -15.78 -17.19
C GLU A 116 -11.92 -14.81 -17.52
N LEU A 117 -11.10 -15.17 -18.51
CA LEU A 117 -10.02 -14.31 -19.02
C LEU A 117 -10.42 -13.77 -20.39
N VAL A 118 -10.28 -12.45 -20.57
CA VAL A 118 -10.54 -11.78 -21.86
C VAL A 118 -9.39 -10.83 -22.17
N ILE A 119 -8.65 -11.11 -23.25
CA ILE A 119 -7.47 -10.35 -23.64
C ILE A 119 -7.75 -9.62 -24.96
N GLN A 120 -7.65 -8.29 -24.93
CA GLN A 120 -7.65 -7.47 -26.14
C GLN A 120 -6.21 -7.05 -26.39
N ARG A 121 -5.67 -7.43 -27.55
CA ARG A 121 -4.25 -7.25 -27.86
C ARG A 121 -4.03 -7.11 -29.37
N GLY A 123 -4.61 -6.68 -32.53
CA GLY A 123 -5.97 -6.15 -32.43
C GLY A 123 -7.03 -7.23 -32.53
N LYS A 124 -6.95 -8.20 -31.62
CA LYS A 124 -7.91 -9.31 -31.54
C LYS A 124 -8.35 -9.60 -30.11
N ILE A 125 -9.60 -10.03 -29.96
CA ILE A 125 -10.15 -10.44 -28.67
C ILE A 125 -9.87 -11.93 -28.49
N HIS A 126 -9.19 -12.28 -27.40
CA HIS A 126 -8.94 -13.67 -27.01
C HIS A 126 -9.71 -13.96 -25.73
N ARG A 127 -10.28 -15.16 -25.62
CA ARG A 127 -11.07 -15.56 -24.45
C ARG A 127 -10.69 -16.96 -23.97
N GLN A 128 -10.72 -17.15 -22.65
CA GLN A 128 -10.52 -18.47 -22.04
C GLN A 128 -11.27 -18.58 -20.71
N ILE A 129 -11.82 -19.78 -20.46
CA ILE A 129 -12.51 -20.10 -19.21
C ILE A 129 -11.69 -21.15 -18.46
N TYR A 130 -11.63 -21.00 -17.14
CA TYR A 130 -11.05 -22.00 -16.24
C TYR A 130 -12.08 -22.44 -15.22
N GLU A 131 -11.94 -23.68 -14.73
CA GLU A 131 -12.72 -24.19 -13.61
C GLU A 131 -11.78 -24.94 -12.67
N HIS A 132 -11.62 -24.40 -11.46
CA HIS A 132 -10.66 -24.91 -10.45
C HIS A 132 -9.21 -24.95 -10.96
N GLY A 133 -8.84 -23.95 -11.76
CA GLY A 133 -7.51 -23.85 -12.37
C GLY A 133 -7.31 -24.55 -13.70
N VAL A 134 -8.22 -25.45 -14.08
CA VAL A 134 -8.09 -26.26 -15.30
C VAL A 134 -8.86 -25.59 -16.44
N PRO A 135 -8.20 -25.32 -17.59
CA PRO A 135 -8.88 -24.67 -18.70
C PRO A 135 -9.86 -25.59 -19.43
N GLN A 136 -11.04 -25.07 -19.79
CA GLN A 136 -12.03 -25.80 -20.57
C GLN A 136 -11.55 -26.03 -22.01
N ALA A 137 -10.86 -25.02 -22.56
CA ALA A 137 -10.25 -25.10 -23.89
C ALA A 137 -9.01 -24.20 -23.93
N PRO A 138 -8.20 -24.27 -25.02
CA PRO A 138 -7.11 -23.30 -25.17
C PRO A 138 -7.60 -21.85 -25.36
N LEU A 139 -6.66 -20.91 -25.29
CA LEU A 139 -6.95 -19.49 -25.51
C LEU A 139 -7.32 -19.27 -26.98
N ALA A 140 -8.62 -19.08 -27.24
CA ALA A 140 -9.17 -18.97 -28.60
C ALA A 140 -9.62 -17.54 -28.93
N VAL A 141 -9.44 -17.16 -30.20
CA VAL A 141 -9.87 -15.85 -30.68
C VAL A 141 -11.38 -15.86 -30.86
N THR A 142 -12.08 -14.95 -30.19
CA THR A 142 -13.54 -14.82 -30.28
C THR A 142 -13.97 -13.84 -31.35
N GLY A 143 -13.29 -12.68 -31.42
CA GLY A 143 -13.61 -11.64 -32.39
C GLY A 143 -12.47 -10.67 -32.65
N GLU A 144 -12.83 -9.48 -33.15
CA GLU A 144 -11.88 -8.42 -33.48
C GLU A 144 -12.10 -7.20 -32.58
N THR A 145 -11.06 -6.37 -32.45
CA THR A 145 -11.10 -5.20 -31.57
C THR A 145 -10.04 -4.17 -31.94
N GLU A 146 -10.33 -2.91 -31.63
CA GLU A 146 -9.36 -1.80 -31.72
C GLU A 146 -8.65 -1.54 -30.40
N LYS A 147 -9.34 -1.78 -29.28
CA LYS A 147 -8.81 -1.49 -27.95
C LYS A 147 -7.79 -2.53 -27.47
N THR A 148 -7.12 -2.20 -26.37
CA THR A 148 -6.13 -3.07 -25.74
C THR A 148 -6.41 -3.20 -24.24
N GLY A 149 -5.95 -4.30 -23.64
CA GLY A 149 -6.08 -4.53 -22.20
C GLY A 149 -6.49 -5.94 -21.82
N THR A 150 -6.53 -6.18 -20.52
CA THR A 150 -6.87 -7.48 -19.94
C THR A 150 -8.08 -7.33 -19.02
N MET A 151 -8.97 -8.33 -19.07
CA MET A 151 -10.08 -8.47 -18.13
C MET A 151 -9.97 -9.85 -17.49
N VAL A 152 -10.10 -9.89 -16.18
CA VAL A 152 -10.16 -11.15 -15.41
C VAL A 152 -11.38 -11.06 -14.48
N ARG A 153 -12.27 -12.04 -14.58
CA ARG A 153 -13.43 -12.17 -13.70
C ARG A 153 -13.39 -13.54 -13.04
N PHE A 154 -13.60 -13.60 -11.73
CA PHE A 154 -13.51 -14.87 -11.01
C PHE A 154 -14.63 -15.08 -9.98
N TRP A 155 -15.06 -16.33 -9.88
CA TRP A 155 -16.06 -16.77 -8.92
C TRP A 155 -15.29 -17.57 -7.87
N PRO A 156 -15.18 -17.06 -6.63
CA PRO A 156 -14.36 -17.76 -5.65
C PRO A 156 -15.01 -19.07 -5.19
N SER A 157 -14.20 -20.12 -5.06
CA SER A 157 -14.68 -21.46 -4.73
C SER A 157 -15.22 -21.50 -3.30
N LEU A 158 -16.46 -21.98 -3.14
CA LEU A 158 -17.05 -22.17 -1.81
C LEU A 158 -16.61 -23.48 -1.14
N GLU A 159 -15.84 -24.31 -1.84
CA GLU A 159 -15.03 -25.36 -1.21
C GLU A 159 -13.90 -24.76 -0.36
N THR A 160 -13.25 -23.71 -0.88
CA THR A 160 -12.12 -23.06 -0.19
C THR A 160 -12.58 -22.08 0.88
N PHE A 161 -13.36 -21.07 0.48
CA PHE A 161 -13.74 -19.96 1.37
C PHE A 161 -15.04 -20.22 2.11
N THR A 162 -15.00 -20.08 3.44
CA THR A 162 -16.15 -20.34 4.32
C THR A 162 -16.48 -19.11 5.16
N ASN A 163 -17.66 -19.14 5.77
CA ASN A 163 -18.16 -18.07 6.66
C ASN A 163 -18.36 -16.72 5.91
N VAL A 164 -17.28 -15.97 5.67
CA VAL A 164 -17.33 -14.74 4.88
C VAL A 164 -17.14 -15.15 3.41
N THR A 165 -18.26 -15.26 2.69
CA THR A 165 -18.25 -15.64 1.27
C THR A 165 -18.65 -14.51 0.31
N GLU A 166 -19.17 -13.41 0.84
CA GLU A 166 -19.61 -12.27 0.04
C GLU A 166 -18.63 -11.11 0.14
N PHE A 167 -18.29 -10.53 -1.01
CA PHE A 167 -17.39 -9.40 -1.09
C PHE A 167 -17.97 -8.16 -0.43
N GLU A 168 -17.09 -7.37 0.18
CA GLU A 168 -17.46 -6.26 1.04
C GLU A 168 -16.85 -5.01 0.41
N TYR A 169 -17.72 -4.04 0.11
CA TYR A 169 -17.33 -2.84 -0.63
C TYR A 169 -16.26 -2.03 0.08
N GLU A 170 -16.52 -1.74 1.35
CA GLU A 170 -15.63 -0.89 2.16
C GLU A 170 -14.22 -1.48 2.34
N ILE A 171 -14.08 -2.80 2.37
CA ILE A 171 -12.75 -3.44 2.47
C ILE A 171 -11.98 -3.23 1.17
N LEU A 172 -12.65 -3.42 0.03
CA LEU A 172 -12.04 -3.18 -1.29
C LEU A 172 -11.76 -1.70 -1.54
N ALA A 173 -12.66 -0.82 -1.09
CA ALA A 173 -12.49 0.63 -1.24
C ALA A 173 -11.28 1.18 -0.47
N LYS A 174 -11.12 0.75 0.78
CA LYS A 174 -10.02 1.25 1.62
C LYS A 174 -8.64 0.94 1.01
N ARG A 175 -8.46 -0.28 0.53
CA ARG A 175 -7.18 -0.74 -0.04
C ARG A 175 -6.88 -0.16 -1.43
N LEU A 176 -7.89 -0.08 -2.30
CA LEU A 176 -7.71 0.49 -3.64
C LEU A 176 -7.41 2.00 -3.61
N ARG A 177 -7.99 2.69 -2.63
CA ARG A 177 -7.68 4.10 -2.40
C ARG A 177 -6.22 4.28 -1.98
N GLU A 178 -5.76 3.46 -1.03
CA GLU A 178 -4.35 3.53 -0.60
C GLU A 178 -3.41 3.07 -1.73
N LEU A 179 -3.83 2.06 -2.50
CA LEU A 179 -3.08 1.69 -3.72
C LEU A 179 -2.95 2.85 -4.73
N SER A 180 -3.97 3.71 -4.83
CA SER A 180 -3.89 4.93 -5.66
C SER A 180 -2.88 5.92 -5.08
N PHE A 181 -2.97 6.23 -3.79
CA PHE A 181 -1.96 7.04 -3.08
C PHE A 181 -0.54 6.50 -3.28
N LEU A 182 -0.38 5.18 -3.15
CA LEU A 182 0.92 4.52 -3.23
C LEU A 182 1.49 4.36 -4.65
N ASN A 183 0.67 4.50 -5.68
CA ASN A 183 1.12 4.36 -7.08
C ASN A 183 0.88 5.63 -7.92
N SER A 184 1.65 6.67 -7.58
CA SER A 184 1.65 7.99 -8.26
C SER A 184 0.33 8.36 -8.96
N GLY A 185 0.26 8.21 -10.29
CA GLY A 185 -0.93 8.56 -11.07
C GLY A 185 -1.54 7.32 -11.71
N VAL A 186 -2.27 6.55 -10.90
CA VAL A 186 -3.03 5.39 -11.41
C VAL A 186 -4.51 5.56 -11.05
N SER A 187 -5.36 5.61 -12.07
CA SER A 187 -6.80 5.74 -11.86
C SER A 187 -7.40 4.37 -11.53
N ILE A 188 -8.10 4.29 -10.40
CA ILE A 188 -8.79 3.06 -10.00
C ILE A 188 -10.26 3.39 -9.76
N ARG A 189 -11.14 2.71 -10.50
CA ARG A 189 -12.59 2.81 -10.29
C ARG A 189 -13.12 1.54 -9.64
N LEU A 190 -14.03 1.72 -8.69
CA LEU A 190 -14.72 0.62 -8.01
C LEU A 190 -16.23 0.73 -8.23
N ARG A 191 -16.86 -0.35 -8.69
CA ARG A 191 -18.30 -0.38 -8.94
C ARG A 191 -18.97 -1.55 -8.22
N ASP A 192 -20.03 -1.26 -7.46
CA ASP A 192 -20.85 -2.27 -6.81
C ASP A 192 -22.20 -2.33 -7.54
N LYS A 193 -22.35 -3.37 -8.36
CA LYS A 193 -23.60 -3.60 -9.09
C LYS A 193 -24.77 -4.13 -8.25
N ARG A 194 -24.50 -4.55 -7.01
CA ARG A 194 -25.57 -5.00 -6.10
C ARG A 194 -26.45 -3.84 -5.63
N ASP A 195 -25.86 -2.67 -5.41
CA ASP A 195 -26.59 -1.45 -4.99
C ASP A 195 -26.25 -0.14 -5.73
N GLY A 196 -25.45 -0.20 -6.80
CA GLY A 196 -25.09 0.99 -7.58
C GLY A 196 -23.96 1.89 -7.07
N LYS A 197 -23.37 1.56 -5.92
CA LYS A 197 -22.35 2.41 -5.30
C LYS A 197 -21.07 2.48 -6.15
N GLU A 198 -20.48 3.68 -6.22
CA GLU A 198 -19.33 3.96 -7.08
C GLU A 198 -18.26 4.79 -6.36
N ASP A 199 -17.00 4.58 -6.78
CA ASP A 199 -15.87 5.40 -6.35
C ASP A 199 -14.85 5.53 -7.49
N HIS A 200 -14.12 6.64 -7.47
CA HIS A 200 -13.04 6.90 -8.41
C HIS A 200 -11.84 7.44 -7.61
N PHE A 201 -10.75 6.66 -7.58
CA PHE A 201 -9.52 7.03 -6.88
C PHE A 201 -8.44 7.35 -7.90
N HIS A 202 -7.87 8.55 -7.81
CA HIS A 202 -6.82 8.97 -8.75
C HIS A 202 -5.99 10.13 -8.18
N TYR A 203 -5.29 9.87 -7.08
CA TYR A 203 -4.56 10.90 -6.36
C TYR A 203 -3.17 11.11 -6.97
N GLU A 204 -3.05 12.11 -7.84
CA GLU A 204 -1.77 12.44 -8.49
C GLU A 204 -0.68 12.90 -7.50
N GLY A 205 -1.08 13.52 -6.39
CA GLY A 205 -0.14 13.93 -5.33
C GLY A 205 0.58 12.78 -4.60
N GLY A 206 0.06 11.56 -4.70
CA GLY A 206 0.77 10.38 -4.20
C GLY A 206 0.72 10.27 -2.69
N ILE A 207 1.85 9.94 -2.06
CA ILE A 207 1.88 9.81 -0.59
C ILE A 207 1.77 11.16 0.13
N LYS A 208 2.13 12.23 -0.57
CA LYS A 208 1.86 13.60 -0.09
C LYS A 208 0.35 13.87 -0.03
N ALA A 209 -0.39 13.37 -1.02
CA ALA A 209 -1.87 13.45 -0.99
C ALA A 209 -2.49 12.50 0.05
N PHE A 210 -1.83 11.36 0.32
CA PHE A 210 -2.19 10.45 1.43
C PHE A 210 -2.24 11.22 2.76
N VAL A 211 -1.19 11.98 3.05
CA VAL A 211 -1.10 12.77 4.28
C VAL A 211 -2.20 13.84 4.35
N GLU A 212 -2.43 14.53 3.23
CA GLU A 212 -3.53 15.51 3.11
C GLU A 212 -4.88 14.89 3.44
N TYR A 213 -5.15 13.73 2.83
CA TYR A 213 -6.36 12.93 3.11
C TYR A 213 -6.46 12.50 4.57
N LEU A 214 -5.35 12.08 5.16
CA LEU A 214 -5.32 11.68 6.57
C LEU A 214 -5.54 12.87 7.52
N ASN A 215 -5.13 14.07 7.10
CA ASN A 215 -5.33 15.31 7.86
C ASN A 215 -6.55 16.17 7.42
N LYS A 216 -7.42 15.65 6.56
CA LYS A 216 -8.53 16.45 6.03
C LYS A 216 -9.60 16.81 7.07
N ASN A 217 -9.84 15.91 8.02
CA ASN A 217 -10.76 16.16 9.16
C ASN A 217 -10.05 16.62 10.44
N LYS A 218 -8.72 16.73 10.39
CA LYS A 218 -7.90 17.27 11.48
C LYS A 218 -7.63 18.75 11.20
N THR A 219 -6.84 19.40 12.06
CA THR A 219 -6.38 20.78 11.83
C THR A 219 -4.84 20.80 11.70
N PRO A 220 -4.32 20.80 10.46
CA PRO A 220 -2.88 21.00 10.25
C PRO A 220 -2.40 22.34 10.81
N ILE A 221 -1.28 22.32 11.54
CA ILE A 221 -0.74 23.53 12.19
C ILE A 221 0.28 24.29 11.34
N HIS A 222 0.76 23.68 10.26
CA HIS A 222 1.71 24.33 9.34
C HIS A 222 1.46 23.90 7.89
N PRO A 223 1.68 24.82 6.92
CA PRO A 223 1.20 24.57 5.55
C PRO A 223 2.01 23.56 4.72
N ASN A 224 3.33 23.49 4.93
CA ASN A 224 4.23 22.70 4.08
C ASN A 224 4.48 21.27 4.54
N ILE A 225 3.89 20.32 3.82
CA ILE A 225 4.08 18.90 4.09
C ILE A 225 5.53 18.53 3.73
N PHE A 226 6.23 17.90 4.66
CA PHE A 226 7.59 17.41 4.42
C PHE A 226 7.49 16.20 3.52
N TYR A 227 8.36 16.13 2.52
CA TYR A 227 8.33 15.03 1.55
C TYR A 227 9.69 14.83 0.87
N PHE A 228 10.06 13.56 0.67
CA PHE A 228 11.18 13.20 -0.19
C PHE A 228 11.00 11.81 -0.78
N SER A 229 11.75 11.52 -1.84
CA SER A 229 11.74 10.20 -2.48
C SER A 229 13.15 9.92 -3.00
N THR A 230 13.84 8.97 -2.35
CA THR A 230 15.26 8.70 -2.63
C THR A 230 15.56 7.20 -2.69
N GLU A 231 16.74 6.89 -3.22
CA GLU A 231 17.20 5.52 -3.42
C GLU A 231 18.69 5.41 -3.08
N LYS A 232 19.01 4.70 -2.00
CA LYS A 232 20.39 4.53 -1.54
C LYS A 232 20.64 3.07 -1.11
N ASP A 233 21.72 2.48 -1.64
CA ASP A 233 22.10 1.08 -1.40
C ASP A 233 20.97 0.08 -1.74
N GLY A 234 20.33 0.30 -2.89
CA GLY A 234 19.26 -0.56 -3.38
C GLY A 234 17.94 -0.53 -2.63
N ILE A 235 17.74 0.48 -1.78
CA ILE A 235 16.51 0.62 -0.99
C ILE A 235 15.85 1.95 -1.32
N GLY A 236 14.61 1.90 -1.81
CA GLY A 236 13.81 3.10 -2.04
C GLY A 236 13.18 3.54 -0.73
N VAL A 237 13.34 4.83 -0.40
CA VAL A 237 12.74 5.41 0.80
C VAL A 237 11.89 6.61 0.38
N GLU A 238 10.61 6.57 0.73
CA GLU A 238 9.68 7.65 0.43
C GLU A 238 8.87 7.98 1.68
N VAL A 239 8.91 9.24 2.10
CA VAL A 239 8.29 9.68 3.35
C VAL A 239 7.49 10.96 3.09
N ALA A 240 6.32 11.05 3.72
CA ALA A 240 5.59 12.31 3.83
C ALA A 240 5.07 12.43 5.26
N LEU A 241 5.10 13.64 5.81
CA LEU A 241 4.56 13.88 7.16
C LEU A 241 4.09 15.32 7.38
N GLN A 242 3.18 15.46 8.33
CA GLN A 242 2.63 16.76 8.71
C GLN A 242 1.97 16.68 10.09
N TRP A 243 2.27 17.65 10.94
CA TRP A 243 1.71 17.78 12.29
C TRP A 243 0.34 18.46 12.29
N ASN A 244 -0.56 17.97 13.14
CA ASN A 244 -1.84 18.63 13.43
C ASN A 244 -1.88 19.13 14.88
N ASP A 245 -2.94 19.85 15.23
CA ASP A 245 -3.09 20.44 16.57
C ASP A 245 -3.41 19.44 17.68
N GLY A 246 -3.82 18.22 17.31
CA GLY A 246 -4.08 17.15 18.27
C GLY A 246 -2.82 16.57 18.89
N PHE A 247 -3.00 15.46 19.62
CA PHE A 247 -1.93 14.82 20.39
C PHE A 247 -1.72 13.32 20.08
N GLN A 248 -2.28 12.86 18.96
CA GLN A 248 -2.16 11.47 18.52
C GLN A 248 -1.01 11.28 17.53
N GLU A 249 -0.41 10.09 17.58
CA GLU A 249 0.60 9.64 16.62
C GLU A 249 -0.10 8.70 15.64
N ASN A 250 0.11 8.93 14.34
CA ASN A 250 -0.48 8.10 13.28
C ASN A 250 0.48 7.91 12.12
N ILE A 251 1.39 6.96 12.29
CA ILE A 251 2.37 6.60 11.26
C ILE A 251 1.87 5.36 10.52
N TYR A 252 1.88 5.41 9.19
CA TYR A 252 1.44 4.30 8.33
C TYR A 252 2.63 3.80 7.53
N CYS A 253 3.03 2.54 7.77
CA CYS A 253 4.27 1.98 7.21
C CYS A 253 3.98 0.91 6.15
N PHE A 254 4.77 0.95 5.07
CA PHE A 254 4.59 0.07 3.90
C PHE A 254 5.94 -0.42 3.37
N THR A 255 5.96 -1.65 2.89
CA THR A 255 7.13 -2.25 2.23
C THR A 255 6.64 -2.87 0.94
N ASN A 256 7.14 -2.37 -0.21
CA ASN A 256 6.68 -2.81 -1.53
C ASN A 256 5.14 -2.77 -1.64
N ASN A 257 4.58 -1.66 -1.15
CA ASN A 257 3.14 -1.38 -1.08
C ASN A 257 2.30 -2.31 -0.17
N ILE A 258 2.96 -3.14 0.64
CA ILE A 258 2.28 -4.02 1.60
C ILE A 258 2.37 -3.33 2.96
N PRO A 259 1.22 -3.12 3.63
CA PRO A 259 1.22 -2.42 4.93
C PRO A 259 1.78 -3.28 6.07
N GLN A 260 2.49 -2.65 7.01
CA GLN A 260 2.96 -3.29 8.23
C GLN A 260 2.20 -2.70 9.41
N ARG A 261 1.10 -3.35 9.80
CA ARG A 261 0.30 -2.90 10.95
C ARG A 261 1.14 -2.69 12.22
N ASP A 262 2.09 -3.59 12.47
CA ASP A 262 2.96 -3.54 13.66
C ASP A 262 4.35 -2.93 13.40
N GLY A 263 4.49 -2.12 12.35
CA GLY A 263 5.72 -1.39 12.10
C GLY A 263 6.93 -2.26 11.78
N GLY A 264 8.05 -1.99 12.46
CA GLY A 264 9.30 -2.72 12.23
C GLY A 264 10.50 -1.79 12.10
N THR A 265 11.48 -2.21 11.30
CA THR A 265 12.75 -1.49 11.15
C THR A 265 12.61 -0.19 10.35
N HIS A 266 11.68 -0.13 9.40
CA HIS A 266 11.35 1.17 8.77
C HIS A 266 10.85 2.21 9.76
N LEU A 267 10.01 1.79 10.71
CA LEU A 267 9.41 2.70 11.69
C LEU A 267 10.44 3.12 12.74
N ALA A 268 11.28 2.18 13.16
CA ALA A 268 12.39 2.45 14.09
C ALA A 268 13.34 3.52 13.55
N GLY A 269 13.82 3.33 12.33
CA GLY A 269 14.69 4.30 11.65
C GLY A 269 14.07 5.67 11.49
N PHE A 270 12.78 5.69 11.13
CA PHE A 270 12.00 6.93 11.02
C PHE A 270 11.97 7.68 12.36
N ARG A 271 11.61 6.95 13.42
CA ARG A 271 11.57 7.50 14.78
C ARG A 271 12.92 7.97 15.30
N ALA A 272 13.97 7.19 15.03
CA ALA A 272 15.35 7.52 15.44
C ALA A 272 15.83 8.83 14.82
N ALA A 273 15.74 8.90 13.49
CA ALA A 273 16.16 10.09 12.71
C ALA A 273 15.44 11.39 13.11
N MET A 274 14.23 11.22 13.63
CA MET A 274 13.29 12.30 13.86
C MET A 274 13.53 12.95 15.22
N THR A 275 13.74 12.12 16.25
CA THR A 275 14.13 12.60 17.57
C THR A 275 15.49 13.29 17.48
N ARG A 276 16.42 12.67 16.75
CA ARG A 276 17.77 13.20 16.58
C ARG A 276 17.80 14.55 15.84
N THR A 277 17.05 14.64 14.74
CA THR A 277 17.01 15.86 13.92
C THR A 277 16.38 17.02 14.66
N LEU A 278 15.21 16.80 15.25
CA LEU A 278 14.49 17.85 15.98
C LEU A 278 15.21 18.32 17.24
N ASN A 279 15.80 17.39 17.99
CA ASN A 279 16.62 17.77 19.15
C ASN A 279 17.85 18.59 18.73
N ALA A 280 18.53 18.15 17.67
CA ALA A 280 19.67 18.89 17.10
C ALA A 280 19.29 20.30 16.66
N TYR A 281 18.12 20.45 16.03
CA TYR A 281 17.60 21.75 15.65
C TYR A 281 17.28 22.61 16.88
N MET A 282 16.52 22.03 17.81
CA MET A 282 16.16 22.72 19.07
C MET A 282 17.36 23.10 19.94
N ASP A 283 18.42 22.30 19.90
CA ASP A 283 19.67 22.62 20.61
C ASP A 283 20.44 23.74 19.91
N LYS A 284 20.68 23.57 18.60
CA LYS A 284 21.46 24.53 17.80
C LYS A 284 20.85 25.93 17.72
N GLU A 285 19.52 25.98 17.52
CA GLU A 285 18.81 27.27 17.44
C GLU A 285 18.50 27.89 18.82
N GLY A 286 18.83 27.20 19.91
CA GLY A 286 18.73 27.74 21.26
C GLY A 286 17.37 27.61 21.94
N TYR A 287 16.52 26.73 21.43
CA TYR A 287 15.18 26.53 22.00
C TYR A 287 15.22 25.81 23.36
N SER A 288 15.98 24.72 23.41
CA SER A 288 16.12 23.91 24.64
C SER A 288 16.69 24.70 25.82
N LYS A 289 17.64 25.59 25.55
CA LYS A 289 18.26 26.43 26.57
C LYS A 289 17.28 27.43 27.18
N LYS A 290 16.59 28.18 26.32
CA LYS A 290 15.61 29.19 26.75
C LYS A 290 14.44 28.57 27.52
N ALA A 291 13.93 27.44 27.03
CA ALA A 291 12.85 26.70 27.70
C ALA A 291 13.28 26.05 29.02
N LYS A 292 14.55 25.62 29.08
CA LYS A 292 15.11 24.84 30.20
C LYS A 292 14.44 23.46 30.31
N VAL A 293 14.31 22.80 29.15
CA VAL A 293 13.61 21.52 29.02
C VAL A 293 14.37 20.62 28.03
N SER A 294 14.31 19.30 28.26
CA SER A 294 14.93 18.29 27.39
C SER A 294 13.85 17.46 26.71
N ALA A 295 13.66 17.68 25.40
CA ALA A 295 12.58 17.06 24.64
C ALA A 295 12.89 15.61 24.28
N THR A 296 11.86 14.76 24.34
CA THR A 296 11.96 13.33 24.04
C THR A 296 11.23 12.98 22.75
N GLY A 297 11.43 11.73 22.30
CA GLY A 297 10.72 11.19 21.13
C GLY A 297 9.20 11.27 21.22
N ASP A 298 8.66 11.06 22.43
CA ASP A 298 7.21 11.11 22.67
C ASP A 298 6.62 12.51 22.47
N ASP A 299 7.39 13.56 22.76
CA ASP A 299 6.96 14.95 22.57
C ASP A 299 6.81 15.29 21.08
N ALA A 300 7.77 14.84 20.27
CA ALA A 300 7.76 15.05 18.82
C ALA A 300 6.65 14.29 18.09
N ARG A 301 6.33 13.08 18.58
CA ARG A 301 5.32 12.22 17.96
C ARG A 301 3.87 12.70 18.12
N GLU A 302 3.61 13.57 19.11
CA GLU A 302 2.24 14.06 19.35
C GLU A 302 1.71 14.97 18.24
N GLY A 303 0.55 14.60 17.67
CA GLY A 303 -0.06 15.32 16.55
C GLY A 303 0.45 14.93 15.17
N LEU A 304 1.36 13.95 15.12
CA LEU A 304 2.04 13.58 13.89
C LEU A 304 1.19 12.66 13.03
N ILE A 305 1.06 13.02 11.75
CA ILE A 305 0.62 12.09 10.71
C ILE A 305 1.79 11.90 9.76
N ALA A 306 2.05 10.65 9.39
CA ALA A 306 3.15 10.31 8.49
C ALA A 306 2.89 9.01 7.73
N VAL A 307 3.48 8.93 6.53
CA VAL A 307 3.48 7.71 5.72
C VAL A 307 4.93 7.41 5.38
N VAL A 308 5.38 6.20 5.69
CA VAL A 308 6.73 5.73 5.34
C VAL A 308 6.56 4.55 4.40
N SER A 309 7.04 4.71 3.17
CA SER A 309 6.93 3.68 2.15
C SER A 309 8.31 3.34 1.63
N VAL A 310 8.71 2.08 1.84
CA VAL A 310 10.04 1.63 1.40
C VAL A 310 9.95 0.58 0.31
N LYS A 311 10.97 0.53 -0.54
CA LYS A 311 11.09 -0.43 -1.62
C LYS A 311 12.33 -1.29 -1.37
N VAL A 312 12.11 -2.56 -1.08
CA VAL A 312 13.16 -3.51 -0.70
C VAL A 312 13.09 -4.68 -1.70
N PRO A 313 14.23 -5.05 -2.34
CA PRO A 313 14.19 -6.15 -3.31
C PRO A 313 13.90 -7.54 -2.72
N ASP A 314 14.46 -7.83 -1.56
CA ASP A 314 14.28 -9.14 -0.88
C ASP A 314 13.99 -8.93 0.62
N PRO A 315 12.77 -8.46 0.95
CA PRO A 315 12.46 -8.08 2.33
C PRO A 315 12.21 -9.27 3.25
N LYS A 316 12.56 -9.11 4.53
CA LYS A 316 12.35 -10.13 5.56
C LYS A 316 11.30 -9.64 6.55
N PHE A 317 10.26 -10.45 6.78
CA PHE A 317 9.20 -10.14 7.74
C PHE A 317 9.26 -11.08 8.93
N SER A 318 8.52 -10.75 9.98
CA SER A 318 8.45 -11.59 11.18
C SER A 318 7.62 -12.86 10.95
N SER A 319 6.60 -12.77 10.10
CA SER A 319 5.78 -13.92 9.71
C SER A 319 5.22 -13.72 8.30
N GLN A 320 4.45 -14.71 7.85
CA GLN A 320 3.83 -14.66 6.52
C GLN A 320 2.75 -13.57 6.37
N THR A 321 2.25 -13.04 7.49
CA THR A 321 1.27 -11.95 7.49
C THR A 321 1.86 -10.61 7.02
N LYS A 322 3.17 -10.43 7.23
CA LYS A 322 3.89 -9.20 6.87
C LYS A 322 3.41 -7.96 7.66
N ASP A 323 2.96 -8.20 8.89
CA ASP A 323 2.59 -7.14 9.83
C ASP A 323 3.82 -6.42 10.44
N LYS A 324 4.99 -7.04 10.35
CA LYS A 324 6.23 -6.44 10.89
C LYS A 324 7.44 -6.72 10.01
N LEU A 325 8.12 -5.65 9.59
CA LEU A 325 9.39 -5.76 8.83
C LEU A 325 10.57 -5.92 9.77
N VAL A 326 11.40 -6.95 9.53
CA VAL A 326 12.61 -7.21 10.34
C VAL A 326 13.96 -7.07 9.59
N SER A 327 13.93 -6.65 8.33
CA SER A 327 15.16 -6.33 7.60
C SER A 327 15.92 -5.20 8.30
N SER A 328 17.06 -5.54 8.91
CA SER A 328 17.82 -4.60 9.72
C SER A 328 18.44 -3.45 8.91
N GLU A 329 18.87 -3.74 7.68
CA GLU A 329 19.45 -2.71 6.79
C GLU A 329 18.47 -1.59 6.38
N VAL A 330 17.17 -1.87 6.45
CA VAL A 330 16.13 -0.86 6.17
C VAL A 330 16.13 0.27 7.21
N LYS A 331 16.46 -0.05 8.47
CA LYS A 331 16.55 0.96 9.54
C LYS A 331 17.56 2.04 9.20
N SER A 332 18.77 1.62 8.87
CA SER A 332 19.88 2.52 8.53
C SER A 332 19.58 3.39 7.30
N ALA A 333 19.02 2.76 6.26
CA ALA A 333 18.61 3.45 5.04
C ALA A 333 17.58 4.54 5.29
N VAL A 334 16.55 4.22 6.06
CA VAL A 334 15.50 5.18 6.42
C VAL A 334 16.06 6.25 7.36
N GLU A 335 16.80 5.83 8.39
CA GLU A 335 17.37 6.75 9.37
C GLU A 335 18.27 7.80 8.73
N GLN A 336 19.19 7.35 7.87
CA GLN A 336 20.17 8.23 7.23
C GLN A 336 19.53 9.23 6.25
N GLN A 337 18.58 8.76 5.45
CA GLN A 337 17.87 9.63 4.51
C GLN A 337 17.02 10.68 5.22
N MET A 338 16.25 10.23 6.22
CA MET A 338 15.46 11.10 7.10
C MET A 338 16.29 12.19 7.77
N ASN A 339 17.43 11.83 8.35
CA ASN A 339 18.29 12.80 9.03
C ASN A 339 18.71 13.94 8.12
N GLU A 340 19.24 13.58 6.95
CA GLU A 340 19.71 14.56 5.97
C GLU A 340 18.56 15.45 5.48
N LEU A 341 17.47 14.84 5.03
CA LEU A 341 16.41 15.58 4.35
C LEU A 341 15.46 16.35 5.28
N LEU A 342 15.19 15.82 6.48
CA LEU A 342 14.41 16.56 7.49
C LEU A 342 15.18 17.78 8.02
N ALA A 343 16.49 17.65 8.17
CA ALA A 343 17.34 18.78 8.53
C ALA A 343 17.33 19.87 7.45
N GLU A 344 17.34 19.47 6.18
CA GLU A 344 17.22 20.40 5.05
C GLU A 344 15.85 21.10 5.07
N TYR A 345 14.79 20.32 5.32
CA TYR A 345 13.42 20.83 5.42
C TYR A 345 13.26 21.92 6.49
N LEU A 346 13.83 21.69 7.67
CA LEU A 346 13.69 22.63 8.79
C LEU A 346 14.32 23.99 8.51
N LEU A 347 15.53 23.98 7.94
CA LEU A 347 16.23 25.22 7.58
C LEU A 347 15.55 25.97 6.44
N GLU A 348 15.16 25.23 5.39
CA GLU A 348 14.45 25.81 4.24
C GLU A 348 13.04 26.33 4.53
N ASN A 349 12.39 25.81 5.57
CA ASN A 349 11.02 26.21 5.92
C ASN A 349 10.95 26.70 7.37
N PRO A 350 11.61 27.83 7.67
CA PRO A 350 11.76 28.26 9.08
C PRO A 350 10.45 28.57 9.83
N THR A 351 9.41 28.97 9.10
CA THR A 351 8.10 29.23 9.72
C THR A 351 7.42 27.92 10.16
N ASP A 352 7.52 26.88 9.34
CA ASP A 352 7.03 25.54 9.71
C ASP A 352 7.83 25.00 10.90
N ALA A 353 9.15 25.13 10.82
CA ALA A 353 10.06 24.76 11.90
C ALA A 353 9.71 25.42 13.25
N LYS A 354 9.37 26.72 13.21
CA LYS A 354 9.03 27.48 14.41
C LYS A 354 7.71 27.04 15.05
N ILE A 355 6.71 26.77 14.23
CA ILE A 355 5.41 26.26 14.72
C ILE A 355 5.55 24.88 15.36
N VAL A 356 6.23 23.96 14.68
CA VAL A 356 6.38 22.57 15.12
C VAL A 356 7.18 22.48 16.44
N VAL A 357 8.31 23.19 16.49
CA VAL A 357 9.15 23.24 17.70
C VAL A 357 8.41 23.89 18.87
N GLY A 358 7.60 24.91 18.59
CA GLY A 358 6.75 25.55 19.59
C GLY A 358 5.80 24.58 20.28
N LYS A 359 5.21 23.67 19.49
CA LYS A 359 4.33 22.62 20.01
C LYS A 359 5.12 21.58 20.83
N ILE A 360 6.28 21.18 20.31
CA ILE A 360 7.15 20.20 20.97
C ILE A 360 7.67 20.68 22.33
N ILE A 361 8.04 21.94 22.43
CA ILE A 361 8.49 22.55 23.71
C ILE A 361 7.37 22.53 24.75
N ASP A 362 6.15 22.84 24.34
CA ASP A 362 4.99 22.86 25.24
C ASP A 362 4.63 21.47 25.76
N ALA A 363 4.74 20.46 24.89
CA ALA A 363 4.56 19.07 25.28
C ALA A 363 5.64 18.62 26.27
N ALA A 364 6.88 19.04 26.03
CA ALA A 364 8.00 18.75 26.93
C ALA A 364 7.83 19.42 28.30
N ARG A 365 7.42 20.69 28.29
CA ARG A 365 7.10 21.43 29.53
C ARG A 365 5.99 20.77 30.35
N ALA A 366 4.91 20.37 29.67
CA ALA A 366 3.76 19.71 30.32
C ALA A 366 4.15 18.38 30.96
N ARG A 367 4.89 17.55 30.22
CA ARG A 367 5.37 16.25 30.70
C ARG A 367 6.33 16.41 31.88
N GLU A 368 7.33 17.27 31.73
CA GLU A 368 8.31 17.52 32.80
C GLU A 368 7.68 18.15 34.03
N ALA A 369 6.72 19.05 33.84
CA ALA A 369 5.95 19.64 34.94
C ALA A 369 5.10 18.59 35.69
N ALA A 370 4.54 17.64 34.94
CA ALA A 370 3.74 16.54 35.52
C ALA A 370 4.59 15.54 36.29
N ARG A 371 5.76 15.19 35.74
CA ARG A 371 6.76 14.36 36.44
C ARG A 371 7.29 15.02 37.71
N ARG A 372 7.49 16.34 37.64
CA ARG A 372 7.94 17.15 38.78
C ARG A 372 6.88 17.25 39.89
N ALA A 373 5.60 17.22 39.49
CA ALA A 373 4.47 17.24 40.42
C ALA A 373 4.35 15.99 41.28
N ARG A 374 4.59 14.82 40.68
CA ARG A 374 4.49 13.52 41.40
C ARG A 374 5.52 13.40 42.53
N GLU A 375 6.77 13.76 42.24
CA GLU A 375 7.86 13.69 43.23
C GLU A 375 7.72 14.76 44.32
N MET A 376 7.41 15.99 43.90
CA MET A 376 7.15 17.08 44.84
C MET A 376 5.82 16.87 45.55
N THR A 377 5.87 16.11 46.65
CA THR A 377 4.71 15.76 47.48
C THR A 377 3.67 14.94 46.70
C2 4S4 B . -1.20 -7.66 -17.21
C4 4S4 B . 0.75 -8.37 -18.57
C5 4S4 B . 0.81 -7.37 -19.55
C6 4S4 B . 1.95 -7.23 -20.34
C7 4S4 B . 3.03 -8.11 -20.19
C8 4S4 B . 2.96 -9.12 -19.22
C17 4S4 B . -2.34 -8.10 -16.39
C18 4S4 B . -2.46 -9.28 -15.70
C19 4S4 B . -3.71 -9.29 -15.08
C21 4S4 B . -4.34 -8.12 -15.41
O1 4S4 B . -1.05 -6.46 -17.38
N3 4S4 B . -0.37 -8.59 -17.75
C9 4S4 B . 1.82 -9.26 -18.43
C10 4S4 B . 4.23 -7.96 -21.03
O11 4S4 B . 4.70 -6.86 -21.21
N12 4S4 B . 4.81 -9.04 -21.61
C13 4S4 B . 6.00 -8.91 -22.46
C14 4S4 B . 6.67 -10.25 -22.69
O15 4S4 B . 7.76 -10.29 -23.21
O16 4S4 B . 6.06 -11.39 -22.32
BR1 4S4 B . -4.33 -10.71 -14.00
BR2 4S4 B . -6.07 -7.53 -14.90
N23 4S4 B . -3.51 -7.40 -16.21
I IOD C . 7.14 -8.26 -0.39
I IOD D . -3.56 -23.60 5.38
#